data_9K7K
#
_entry.id   9K7K
#
_cell.length_a   72.354
_cell.length_b   75.329
_cell.length_c   102.583
_cell.angle_alpha   90.00
_cell.angle_beta   90.00
_cell.angle_gamma   90.00
#
_symmetry.space_group_name_H-M   'P 21 21 21'
#
loop_
_entity.id
_entity.type
_entity.pdbx_description
1 polymer 'Gamma-glutamyl peptidase 1'
2 non-polymer 'ACETATE ION'
3 non-polymer GLYCEROL
4 water water
#
_entity_poly.entity_id   1
_entity_poly.type   'polypeptide(L)'
_entity_poly.pdbx_seq_one_letter_code
;MSYYHHHHHHMVEQKRYALFLATLDSEFVKKTYGGYHNVFVTTFGDEGEHWDSFRVVSGEFPDEKDLEKYDGFVISGSSH
DAFENDDWILKLCDIVKKIDEMKKKILGICFGHQIIARVRGGTVGRAKKGPELKLGDITIVKDAITPGSYFGNEIPDSIA
IIKCHQDEVLVLPETAKVLAYSKNYEVEMYSIEDHLFCIQGHPEYNKEILFEIVDRVLALGYVKQEFADAAKATMENRGA
DRKLWETICKNFLKGRVPTN
;
_entity_poly.pdbx_strand_id   A,B
#
loop_
_chem_comp.id
_chem_comp.type
_chem_comp.name
_chem_comp.formula
ACT non-polymer 'ACETATE ION' 'C2 H3 O2 -1'
GOL non-polymer GLYCEROL 'C3 H8 O3'
#
# COMPACT_ATOMS: atom_id res chain seq x y z
N GLN A 14 38.90 -11.24 -4.79
CA GLN A 14 37.82 -11.61 -3.83
C GLN A 14 36.59 -10.75 -4.10
N LYS A 15 35.59 -11.35 -4.76
CA LYS A 15 34.48 -10.57 -5.28
C LYS A 15 33.59 -10.04 -4.15
N ARG A 16 33.13 -8.77 -4.32
CA ARG A 16 32.27 -8.13 -3.34
C ARG A 16 30.96 -7.65 -3.95
N TYR A 17 29.83 -7.97 -3.27
CA TYR A 17 28.51 -7.56 -3.77
C TYR A 17 27.75 -6.86 -2.65
N ALA A 18 27.03 -5.78 -3.01
CA ALA A 18 26.26 -4.98 -2.09
C ALA A 18 24.78 -5.27 -2.27
N LEU A 19 24.08 -5.58 -1.17
CA LEU A 19 22.67 -5.84 -1.23
C LEU A 19 21.94 -4.70 -0.54
N PHE A 20 21.04 -4.08 -1.29
CA PHE A 20 20.19 -3.02 -0.75
C PHE A 20 18.83 -3.60 -0.40
N LEU A 21 18.58 -3.73 0.89
CA LEU A 21 17.34 -4.29 1.36
C LEU A 21 16.36 -3.15 1.58
N ALA A 22 15.41 -3.02 0.67
CA ALA A 22 14.36 -2.02 0.75
C ALA A 22 13.17 -2.54 1.57
N THR A 23 13.34 -3.65 2.23
CA THR A 23 12.27 -4.25 2.99
C THR A 23 12.85 -4.65 4.35
N LEU A 24 12.00 -4.67 5.37
CA LEU A 24 12.35 -5.22 6.68
C LEU A 24 12.15 -6.72 6.63
N ASP A 25 12.69 -7.42 7.61
CA ASP A 25 12.50 -8.85 7.68
C ASP A 25 11.13 -9.21 8.26
N SER A 26 10.35 -9.99 7.54
CA SER A 26 9.08 -10.46 8.05
C SER A 26 9.37 -11.49 9.16
N GLU A 27 8.33 -11.72 9.99
CA GLU A 27 8.42 -12.73 11.01
C GLU A 27 8.71 -14.11 10.42
N PHE A 28 7.99 -14.47 9.37
CA PHE A 28 8.20 -15.79 8.79
C PHE A 28 9.65 -15.88 8.29
N VAL A 29 10.11 -14.85 7.57
CA VAL A 29 11.42 -14.95 6.94
C VAL A 29 12.53 -14.96 7.99
N LYS A 30 12.36 -14.16 9.06
CA LYS A 30 13.38 -14.14 10.12
C LYS A 30 13.50 -15.50 10.81
N LYS A 31 12.37 -16.12 11.15
CA LYS A 31 12.50 -17.35 11.91
C LYS A 31 12.87 -18.53 11.01
N THR A 32 12.41 -18.59 9.73
CA THR A 32 12.79 -19.67 8.83
C THR A 32 14.21 -19.54 8.25
N TYR A 33 14.70 -18.36 7.81
CA TYR A 33 15.95 -18.32 7.09
C TYR A 33 16.92 -17.42 7.80
N GLY A 34 16.45 -16.70 8.82
CA GLY A 34 17.27 -15.76 9.56
C GLY A 34 17.21 -14.34 8.99
N GLY A 35 16.33 -14.07 8.01
CA GLY A 35 16.26 -12.73 7.42
C GLY A 35 16.50 -12.72 5.91
N TYR A 36 16.19 -11.58 5.29
CA TYR A 36 16.34 -11.36 3.86
C TYR A 36 17.79 -11.26 3.39
N HIS A 37 18.75 -10.86 4.24
CA HIS A 37 20.16 -10.98 3.83
C HIS A 37 20.41 -12.46 3.45
N ASN A 38 20.05 -13.41 4.31
CA ASN A 38 20.30 -14.81 4.04
C ASN A 38 19.53 -15.24 2.80
N VAL A 39 18.29 -14.79 2.63
CA VAL A 39 17.51 -15.32 1.50
C VAL A 39 18.18 -14.86 0.19
N PHE A 40 18.63 -13.59 0.15
CA PHE A 40 19.28 -13.03 -1.04
C PHE A 40 20.59 -13.73 -1.32
N VAL A 41 21.37 -13.93 -0.25
CA VAL A 41 22.66 -14.57 -0.43
C VAL A 41 22.52 -16.04 -0.81
N THR A 42 21.53 -16.76 -0.28
CA THR A 42 21.31 -18.15 -0.67
C THR A 42 20.98 -18.20 -2.15
N THR A 43 20.14 -17.25 -2.58
CA THR A 43 19.71 -17.26 -3.96
C THR A 43 20.85 -16.91 -4.96
N PHE A 44 21.56 -15.80 -4.73
CA PHE A 44 22.37 -15.13 -5.74
C PHE A 44 23.88 -15.28 -5.47
N GLY A 45 24.22 -15.82 -4.30
CA GLY A 45 25.62 -15.91 -3.91
C GLY A 45 26.23 -17.26 -4.24
N ASP A 46 27.56 -17.25 -4.38
CA ASP A 46 28.39 -18.45 -4.55
C ASP A 46 29.49 -18.40 -3.46
N GLU A 47 30.09 -19.53 -3.11
CA GLU A 47 31.07 -19.48 -2.03
C GLU A 47 32.30 -18.66 -2.47
N GLY A 48 32.95 -18.03 -1.49
CA GLY A 48 34.14 -17.21 -1.79
C GLY A 48 33.86 -15.75 -2.20
N GLU A 49 32.66 -15.25 -1.87
CA GLU A 49 32.24 -13.91 -2.20
C GLU A 49 32.01 -13.18 -0.87
N HIS A 50 32.15 -11.87 -0.86
CA HIS A 50 31.77 -11.10 0.30
C HIS A 50 30.55 -10.29 -0.05
N TRP A 51 29.45 -10.54 0.65
CA TRP A 51 28.22 -9.81 0.52
C TRP A 51 28.02 -8.85 1.68
N ASP A 52 27.86 -7.56 1.43
CA ASP A 52 27.44 -6.62 2.46
C ASP A 52 26.01 -6.19 2.19
N SER A 53 25.20 -6.12 3.23
CA SER A 53 23.85 -5.68 3.04
C SER A 53 23.62 -4.37 3.76
N PHE A 54 22.85 -3.50 3.13
CA PHE A 54 22.43 -2.23 3.69
C PHE A 54 20.92 -2.14 3.79
N ARG A 55 20.41 -1.83 4.96
CA ARG A 55 18.96 -1.71 5.19
C ARG A 55 18.49 -0.33 4.73
N VAL A 56 18.38 -0.15 3.41
CA VAL A 56 18.12 1.18 2.84
C VAL A 56 16.78 1.69 3.28
N VAL A 57 15.81 0.76 3.52
CA VAL A 57 14.52 1.17 3.99
C VAL A 57 14.59 1.92 5.32
N SER A 58 15.56 1.59 6.14
CA SER A 58 15.77 2.23 7.40
C SER A 58 16.82 3.33 7.24
N GLY A 59 17.11 3.80 6.02
CA GLY A 59 18.03 4.92 5.80
C GLY A 59 19.51 4.53 5.98
N GLU A 60 19.86 3.25 5.92
CA GLU A 60 21.24 2.80 6.01
C GLU A 60 21.78 2.51 4.59
N PHE A 61 22.88 3.19 4.26
CA PHE A 61 23.45 3.23 2.92
C PHE A 61 24.96 3.15 2.95
N PRO A 62 25.60 2.64 1.90
CA PRO A 62 27.08 2.71 1.82
C PRO A 62 27.53 4.14 1.61
N ASP A 63 28.75 4.44 2.05
CA ASP A 63 29.40 5.71 1.76
C ASP A 63 29.62 5.73 0.23
N GLU A 64 29.38 6.89 -0.40
CA GLU A 64 29.71 7.15 -1.80
C GLU A 64 31.08 6.63 -2.23
N LYS A 65 32.08 6.85 -1.39
CA LYS A 65 33.46 6.55 -1.74
C LYS A 65 33.64 5.04 -1.72
N ASP A 66 32.71 4.33 -1.09
CA ASP A 66 32.77 2.88 -1.12
C ASP A 66 32.04 2.24 -2.29
N LEU A 67 31.27 2.98 -3.10
CA LEU A 67 30.64 2.32 -4.26
C LEU A 67 31.60 1.56 -5.15
N GLU A 68 32.78 2.13 -5.35
CA GLU A 68 33.78 1.69 -6.32
C GLU A 68 34.34 0.31 -5.98
N LYS A 69 34.30 -0.11 -4.74
CA LYS A 69 34.82 -1.44 -4.41
C LYS A 69 33.82 -2.58 -4.61
N TYR A 70 32.57 -2.33 -5.06
CA TYR A 70 31.64 -3.44 -5.27
C TYR A 70 31.72 -3.98 -6.70
N ASP A 71 31.55 -5.28 -6.93
CA ASP A 71 31.54 -5.80 -8.29
C ASP A 71 30.13 -5.73 -8.87
N GLY A 72 29.15 -5.50 -7.96
CA GLY A 72 27.76 -5.41 -8.33
C GLY A 72 26.87 -5.14 -7.13
N PHE A 73 25.58 -4.92 -7.45
CA PHE A 73 24.58 -4.45 -6.50
C PHE A 73 23.29 -5.16 -6.81
N VAL A 74 22.53 -5.46 -5.76
CA VAL A 74 21.19 -6.00 -5.94
C VAL A 74 20.24 -5.15 -5.12
N ILE A 75 19.10 -4.77 -5.71
CA ILE A 75 18.11 -4.01 -5.01
C ILE A 75 16.92 -4.93 -4.81
N SER A 76 16.53 -5.06 -3.55
CA SER A 76 15.39 -5.91 -3.16
C SER A 76 14.03 -5.31 -3.52
N GLY A 77 13.01 -6.15 -3.31
CA GLY A 77 11.63 -5.68 -3.27
C GLY A 77 11.36 -4.91 -1.97
N SER A 78 10.10 -4.42 -1.87
CA SER A 78 9.71 -3.57 -0.76
C SER A 78 8.19 -3.61 -0.64
N SER A 79 7.66 -3.33 0.56
CA SER A 79 6.23 -3.04 0.71
C SER A 79 5.95 -1.57 0.38
N HIS A 80 6.97 -0.70 0.37
CA HIS A 80 6.74 0.66 -0.08
C HIS A 80 6.59 0.77 -1.62
N ASP A 81 6.10 1.89 -2.12
CA ASP A 81 5.93 2.11 -3.53
C ASP A 81 7.10 2.91 -4.10
N ALA A 82 7.58 2.53 -5.30
CA ALA A 82 8.76 3.20 -5.87
C ALA A 82 8.40 4.56 -6.46
N PHE A 83 7.13 4.93 -6.46
CA PHE A 83 6.75 6.30 -6.81
C PHE A 83 6.71 7.21 -5.59
N GLU A 84 6.87 6.68 -4.36
CA GLU A 84 6.88 7.54 -3.17
C GLU A 84 8.16 8.37 -3.00
N ASN A 85 8.04 9.38 -2.11
CA ASN A 85 9.05 10.39 -2.01
C ASN A 85 9.64 10.50 -0.62
N ASP A 86 9.58 9.44 0.17
CA ASP A 86 10.26 9.40 1.46
C ASP A 86 11.75 9.63 1.28
N ASP A 87 12.36 10.21 2.33
CA ASP A 87 13.76 10.60 2.24
C ASP A 87 14.63 9.41 1.82
N TRP A 88 14.45 8.23 2.38
CA TRP A 88 15.29 7.11 2.04
C TRP A 88 15.11 6.70 0.57
N ILE A 89 13.92 6.91 0.00
CA ILE A 89 13.71 6.59 -1.40
C ILE A 89 14.47 7.57 -2.26
N LEU A 90 14.41 8.86 -1.94
CA LEU A 90 15.07 9.87 -2.74
C LEU A 90 16.58 9.60 -2.67
N LYS A 91 17.07 9.21 -1.51
CA LYS A 91 18.48 8.94 -1.33
C LYS A 91 18.91 7.67 -2.06
N LEU A 92 18.03 6.65 -2.11
CA LEU A 92 18.28 5.45 -2.92
C LEU A 92 18.43 5.80 -4.41
N CYS A 93 17.52 6.64 -4.90
CA CYS A 93 17.51 7.11 -6.30
C CYS A 93 18.80 7.88 -6.60
N ASP A 94 19.25 8.72 -5.66
CA ASP A 94 20.53 9.42 -5.86
C ASP A 94 21.74 8.49 -5.95
N ILE A 95 21.82 7.51 -5.02
CA ILE A 95 22.87 6.51 -5.00
C ILE A 95 22.80 5.64 -6.26
N VAL A 96 21.60 5.20 -6.66
CA VAL A 96 21.51 4.39 -7.88
C VAL A 96 22.00 5.14 -9.12
N LYS A 97 21.67 6.43 -9.22
CA LYS A 97 22.21 7.29 -10.26
C LYS A 97 23.73 7.33 -10.29
N LYS A 98 24.36 7.46 -9.12
CA LYS A 98 25.82 7.42 -9.13
C LYS A 98 26.30 6.07 -9.62
N ILE A 99 25.72 4.98 -9.11
CA ILE A 99 26.22 3.67 -9.49
C ILE A 99 26.06 3.48 -11.00
N ASP A 100 24.90 3.95 -11.51
CA ASP A 100 24.62 3.80 -12.93
C ASP A 100 25.69 4.53 -13.76
N GLU A 101 26.00 5.74 -13.27
CA GLU A 101 26.99 6.59 -13.95
C GLU A 101 28.35 5.92 -13.94
N MET A 102 28.64 5.13 -12.91
CA MET A 102 29.88 4.34 -12.85
C MET A 102 29.82 3.14 -13.74
N LYS A 103 28.62 2.83 -14.27
CA LYS A 103 28.43 1.64 -15.08
C LYS A 103 28.67 0.37 -14.27
N LYS A 104 28.37 0.35 -12.98
CA LYS A 104 28.44 -0.88 -12.22
C LYS A 104 27.15 -1.67 -12.40
N LYS A 105 27.25 -2.98 -12.22
CA LYS A 105 26.12 -3.89 -12.36
C LYS A 105 25.14 -3.70 -11.22
N ILE A 106 23.83 -3.57 -11.59
CA ILE A 106 22.73 -3.54 -10.63
C ILE A 106 21.67 -4.53 -11.13
N LEU A 107 21.24 -5.48 -10.24
CA LEU A 107 20.11 -6.34 -10.51
C LEU A 107 18.96 -5.78 -9.66
N GLY A 108 17.87 -5.33 -10.31
CA GLY A 108 16.77 -4.80 -9.58
C GLY A 108 15.62 -5.81 -9.54
N ILE A 109 15.09 -6.11 -8.33
CA ILE A 109 13.98 -7.04 -8.20
C ILE A 109 12.78 -6.26 -7.65
N CYS A 110 11.63 -6.41 -8.30
N CYS A 110 11.64 -6.30 -8.36
CA CYS A 110 10.38 -5.76 -7.94
CA CYS A 110 10.36 -5.76 -7.91
C CYS A 110 10.59 -4.26 -7.70
C CYS A 110 10.42 -4.23 -7.73
N PHE A 111 10.36 -3.76 -6.48
CA PHE A 111 10.63 -2.35 -6.19
C PHE A 111 11.99 -1.90 -6.77
N GLY A 112 13.01 -2.75 -6.73
CA GLY A 112 14.32 -2.38 -7.29
C GLY A 112 14.32 -2.15 -8.79
N HIS A 113 13.55 -2.96 -9.51
CA HIS A 113 13.29 -2.83 -10.95
C HIS A 113 12.62 -1.48 -11.18
N GLN A 114 11.65 -1.15 -10.35
CA GLN A 114 10.90 0.11 -10.49
C GLN A 114 11.75 1.34 -10.19
N ILE A 115 12.59 1.25 -9.15
CA ILE A 115 13.52 2.32 -8.82
C ILE A 115 14.49 2.63 -9.97
N ILE A 116 15.14 1.60 -10.55
CA ILE A 116 15.99 1.82 -11.72
C ILE A 116 15.19 2.48 -12.87
N ALA A 117 13.94 2.04 -13.11
CA ALA A 117 13.14 2.65 -14.17
C ALA A 117 12.90 4.14 -13.85
N ARG A 118 12.57 4.48 -12.60
CA ARG A 118 12.40 5.85 -12.15
C ARG A 118 13.67 6.68 -12.34
N VAL A 119 14.83 6.15 -11.93
CA VAL A 119 16.04 6.89 -12.13
C VAL A 119 16.34 7.13 -13.62
N ARG A 120 15.96 6.22 -14.54
CA ARG A 120 16.27 6.35 -15.96
C ARG A 120 15.12 7.06 -16.68
N GLY A 121 14.23 7.72 -15.95
CA GLY A 121 13.21 8.64 -16.48
C GLY A 121 11.88 7.95 -16.82
N GLY A 122 11.67 6.69 -16.39
CA GLY A 122 10.39 6.03 -16.62
C GLY A 122 9.35 6.47 -15.58
N THR A 123 8.11 5.97 -15.68
CA THR A 123 7.03 6.23 -14.70
C THR A 123 6.60 4.92 -14.06
N VAL A 124 6.43 4.92 -12.73
CA VAL A 124 5.96 3.77 -12.01
C VAL A 124 4.64 4.18 -11.32
N GLY A 125 3.71 3.25 -11.16
CA GLY A 125 2.39 3.54 -10.58
C GLY A 125 1.67 2.21 -10.37
N ARG A 126 0.46 2.26 -9.81
CA ARG A 126 -0.33 1.10 -9.45
C ARG A 126 -0.67 0.31 -10.71
N ALA A 127 -0.60 -1.02 -10.58
CA ALA A 127 -0.69 -1.86 -11.76
C ALA A 127 -2.01 -1.57 -12.46
N LYS A 128 -1.93 -1.23 -13.76
CA LYS A 128 -3.09 -1.04 -14.64
C LYS A 128 -4.11 -2.15 -14.34
N LYS A 129 -3.71 -3.44 -14.47
CA LYS A 129 -4.71 -4.51 -14.38
C LYS A 129 -4.77 -5.12 -12.97
N GLY A 130 -4.40 -4.36 -11.93
CA GLY A 130 -4.67 -4.79 -10.57
C GLY A 130 -3.53 -5.63 -10.03
N PRO A 131 -3.50 -5.90 -8.69
CA PRO A 131 -2.45 -6.72 -8.06
C PRO A 131 -2.40 -8.21 -8.39
N GLU A 132 -1.28 -8.80 -7.97
CA GLU A 132 -0.87 -10.13 -8.37
C GLU A 132 0.04 -10.59 -7.25
N LEU A 133 -0.17 -11.83 -6.88
CA LEU A 133 0.52 -12.37 -5.75
C LEU A 133 0.56 -13.86 -6.00
N LYS A 134 1.38 -14.35 -6.96
CA LYS A 134 1.11 -15.69 -7.45
C LYS A 134 2.29 -16.18 -8.25
N LEU A 135 2.35 -17.50 -8.53
CA LEU A 135 3.22 -17.99 -9.57
C LEU A 135 2.62 -17.60 -10.93
N GLY A 136 3.41 -16.91 -11.76
CA GLY A 136 3.04 -16.63 -13.13
C GLY A 136 4.10 -17.03 -14.13
N ASP A 137 3.76 -16.88 -15.40
CA ASP A 137 4.68 -17.09 -16.53
C ASP A 137 4.91 -15.80 -17.33
N ILE A 138 6.17 -15.61 -17.78
CA ILE A 138 6.52 -14.45 -18.60
C ILE A 138 7.04 -14.93 -19.94
N THR A 139 6.61 -14.28 -21.02
CA THR A 139 7.02 -14.63 -22.38
C THR A 139 8.27 -13.86 -22.71
N ILE A 140 9.26 -14.61 -23.13
CA ILE A 140 10.56 -14.07 -23.46
C ILE A 140 10.51 -13.45 -24.88
N VAL A 141 11.12 -12.26 -25.06
CA VAL A 141 11.31 -11.62 -26.37
C VAL A 141 12.58 -12.19 -26.99
N LYS A 142 12.48 -13.37 -27.57
CA LYS A 142 13.67 -14.13 -27.94
C LYS A 142 14.55 -13.38 -28.94
N ASP A 143 13.93 -12.64 -29.87
CA ASP A 143 14.75 -11.81 -30.74
C ASP A 143 15.65 -10.82 -30.00
N ALA A 144 15.39 -10.53 -28.71
CA ALA A 144 16.12 -9.51 -27.99
C ALA A 144 17.29 -10.16 -27.24
N ILE A 145 17.42 -11.49 -27.35
CA ILE A 145 18.42 -12.24 -26.63
C ILE A 145 19.43 -13.00 -27.53
N THR A 146 20.73 -12.92 -27.18
CA THR A 146 21.80 -13.67 -27.80
C THR A 146 21.89 -15.08 -27.21
N PRO A 147 21.89 -16.15 -28.05
CA PRO A 147 22.24 -17.50 -27.56
C PRO A 147 23.63 -17.45 -26.92
N GLY A 148 23.82 -18.11 -25.75
CA GLY A 148 25.09 -18.09 -25.00
C GLY A 148 25.26 -16.95 -23.96
N SER A 149 24.39 -15.93 -23.95
CA SER A 149 24.45 -14.90 -22.90
C SER A 149 23.70 -15.44 -21.68
N TYR A 150 22.93 -14.55 -20.97
CA TYR A 150 22.53 -14.82 -19.61
C TYR A 150 21.54 -15.99 -19.61
N PHE A 151 20.81 -16.16 -20.71
CA PHE A 151 19.77 -17.17 -20.66
C PHE A 151 20.20 -18.53 -21.20
N GLY A 152 21.47 -18.72 -21.52
CA GLY A 152 21.90 -20.06 -21.94
C GLY A 152 21.98 -20.10 -23.46
N ASN A 153 22.27 -21.28 -24.04
CA ASN A 153 22.41 -21.45 -25.48
C ASN A 153 21.04 -21.59 -26.12
N GLU A 154 20.15 -22.26 -25.40
CA GLU A 154 18.78 -22.47 -25.83
C GLU A 154 17.84 -21.54 -25.07
N ILE A 155 17.36 -20.50 -25.74
CA ILE A 155 16.58 -19.47 -25.09
C ILE A 155 15.20 -20.00 -24.86
N PRO A 156 14.67 -19.97 -23.62
CA PRO A 156 13.35 -20.48 -23.38
C PRO A 156 12.27 -19.58 -23.97
N ASP A 157 11.12 -20.18 -24.21
CA ASP A 157 9.98 -19.47 -24.70
C ASP A 157 9.36 -18.67 -23.57
N SER A 158 9.31 -19.26 -22.37
CA SER A 158 8.76 -18.56 -21.23
C SER A 158 9.36 -19.10 -19.97
N ILE A 159 9.24 -18.31 -18.93
CA ILE A 159 9.80 -18.70 -17.63
C ILE A 159 8.74 -18.48 -16.56
N ALA A 160 8.67 -19.41 -15.60
CA ALA A 160 7.80 -19.25 -14.46
C ALA A 160 8.48 -18.49 -13.33
N ILE A 161 7.78 -17.53 -12.69
CA ILE A 161 8.38 -16.71 -11.65
C ILE A 161 7.28 -16.29 -10.70
N ILE A 162 7.63 -16.21 -9.42
CA ILE A 162 6.67 -15.69 -8.47
C ILE A 162 6.56 -14.17 -8.62
N LYS A 163 5.37 -13.70 -8.94
N LYS A 163 5.31 -13.70 -8.61
CA LYS A 163 5.14 -12.35 -9.45
CA LYS A 163 4.93 -12.30 -8.70
C LYS A 163 5.08 -11.31 -8.34
C LYS A 163 4.28 -11.86 -7.37
N CYS A 164 5.54 -10.09 -8.65
N CYS A 164 4.85 -10.84 -6.72
CA CYS A 164 5.28 -8.92 -7.83
CA CYS A 164 4.23 -10.23 -5.54
C CYS A 164 4.55 -7.87 -8.70
C CYS A 164 4.49 -8.73 -5.51
N HIS A 165 3.20 -7.80 -8.62
N HIS A 165 3.61 -7.96 -6.11
CA HIS A 165 2.47 -6.90 -9.49
CA HIS A 165 3.75 -6.51 -6.13
C HIS A 165 1.48 -6.03 -8.69
C HIS A 165 2.40 -5.95 -6.47
N GLN A 166 1.95 -5.34 -7.63
N GLN A 166 2.34 -4.61 -6.46
CA GLN A 166 1.21 -4.23 -7.03
CA GLN A 166 1.09 -3.88 -6.65
C GLN A 166 1.27 -3.01 -7.98
C GLN A 166 1.31 -2.69 -7.62
N ASP A 167 2.53 -2.63 -8.21
CA ASP A 167 2.90 -1.51 -9.08
C ASP A 167 3.46 -2.07 -10.39
N GLU A 168 3.71 -1.17 -11.31
CA GLU A 168 4.42 -1.53 -12.52
C GLU A 168 5.03 -0.28 -13.13
N VAL A 169 5.88 -0.54 -14.11
CA VAL A 169 6.47 0.51 -14.91
C VAL A 169 5.43 0.80 -15.96
N LEU A 170 4.82 1.99 -15.82
CA LEU A 170 3.71 2.40 -16.67
C LEU A 170 4.26 3.09 -17.91
N VAL A 171 5.45 3.70 -17.84
CA VAL A 171 6.10 4.28 -19.00
C VAL A 171 7.56 3.89 -18.90
N LEU A 172 7.96 3.18 -19.93
CA LEU A 172 9.27 2.56 -19.97
C LEU A 172 10.33 3.64 -20.01
N PRO A 173 11.50 3.51 -19.43
CA PRO A 173 12.59 4.42 -19.80
C PRO A 173 12.84 4.33 -21.32
N GLU A 174 13.31 5.42 -21.89
CA GLU A 174 13.60 5.49 -23.30
C GLU A 174 14.78 4.59 -23.69
N THR A 175 15.69 4.27 -22.75
CA THR A 175 16.84 3.43 -23.01
C THR A 175 16.57 1.97 -22.59
N ALA A 176 15.36 1.57 -22.19
CA ALA A 176 15.09 0.20 -21.73
C ALA A 176 14.84 -0.75 -22.92
N LYS A 177 15.51 -1.91 -22.88
CA LYS A 177 15.23 -3.03 -23.72
C LYS A 177 14.36 -4.09 -23.04
N VAL A 178 13.17 -4.29 -23.61
CA VAL A 178 12.23 -5.28 -23.05
C VAL A 178 12.72 -6.68 -23.37
N LEU A 179 12.80 -7.52 -22.33
CA LEU A 179 13.27 -8.91 -22.39
C LEU A 179 12.11 -9.90 -22.20
N ALA A 180 10.99 -9.46 -21.65
CA ALA A 180 9.89 -10.38 -21.35
C ALA A 180 8.66 -9.55 -21.03
N TYR A 181 7.53 -10.17 -21.30
CA TYR A 181 6.26 -9.53 -21.10
C TYR A 181 5.22 -10.59 -20.76
N SER A 182 4.08 -10.12 -20.28
CA SER A 182 2.94 -10.97 -20.06
C SER A 182 1.72 -10.29 -20.68
N LYS A 183 0.63 -11.03 -20.70
CA LYS A 183 -0.54 -10.57 -21.41
C LYS A 183 -0.87 -9.17 -20.92
N ASN A 184 -0.89 -8.98 -19.58
CA ASN A 184 -1.32 -7.74 -18.96
C ASN A 184 -0.20 -6.72 -18.70
N TYR A 185 1.08 -7.01 -18.99
CA TYR A 185 2.16 -6.08 -18.67
C TYR A 185 3.36 -6.29 -19.61
N GLU A 186 3.66 -5.18 -20.27
CA GLU A 186 4.62 -5.21 -21.32
C GLU A 186 6.03 -5.24 -20.70
N VAL A 187 6.12 -5.12 -19.40
CA VAL A 187 7.47 -4.93 -18.87
C VAL A 187 7.70 -5.88 -17.69
N GLU A 188 7.79 -7.19 -17.96
CA GLU A 188 8.10 -8.13 -16.91
C GLU A 188 9.61 -8.15 -16.60
N MET A 189 10.42 -7.96 -17.64
CA MET A 189 11.84 -8.01 -17.48
C MET A 189 12.46 -7.10 -18.52
N TYR A 190 13.54 -6.40 -18.16
CA TYR A 190 14.12 -5.45 -19.11
C TYR A 190 15.58 -5.21 -18.73
N SER A 191 16.41 -4.80 -19.70
CA SER A 191 17.77 -4.39 -19.41
C SER A 191 17.94 -2.94 -19.82
N ILE A 192 18.94 -2.28 -19.24
CA ILE A 192 19.44 -1.00 -19.75
C ILE A 192 20.94 -1.10 -19.94
N GLU A 193 21.37 -0.81 -21.16
CA GLU A 193 22.75 -1.02 -21.60
C GLU A 193 23.21 -2.40 -21.17
N ASP A 194 24.44 -2.47 -20.70
CA ASP A 194 25.00 -3.75 -20.25
C ASP A 194 25.12 -3.90 -18.71
N HIS A 195 24.73 -2.92 -17.92
CA HIS A 195 24.94 -2.94 -16.46
C HIS A 195 23.65 -2.92 -15.61
N LEU A 196 22.46 -2.77 -16.22
CA LEU A 196 21.21 -2.72 -15.49
C LEU A 196 20.32 -3.87 -15.96
N PHE A 197 19.86 -4.69 -14.99
CA PHE A 197 18.99 -5.81 -15.29
C PHE A 197 17.85 -5.87 -14.28
N CYS A 198 16.61 -5.99 -14.75
CA CYS A 198 15.43 -5.73 -13.94
C CYS A 198 14.32 -6.76 -14.19
N ILE A 199 13.84 -7.35 -13.08
CA ILE A 199 12.79 -8.38 -13.07
C ILE A 199 11.63 -7.94 -12.18
N GLN A 200 10.39 -7.95 -12.71
CA GLN A 200 9.18 -7.74 -11.95
C GLN A 200 8.61 -9.04 -11.34
N GLY A 201 9.40 -9.63 -10.53
CA GLY A 201 9.10 -10.94 -9.98
C GLY A 201 10.23 -11.23 -9.03
N HIS A 202 10.04 -12.22 -8.15
CA HIS A 202 10.96 -12.51 -7.11
C HIS A 202 11.62 -13.87 -7.30
N PRO A 203 12.84 -13.97 -7.89
CA PRO A 203 13.55 -15.23 -7.97
C PRO A 203 13.82 -15.85 -6.62
N GLU A 204 14.00 -14.96 -5.65
CA GLU A 204 14.40 -15.34 -4.31
C GLU A 204 13.23 -15.81 -3.46
N TYR A 205 12.01 -15.69 -3.96
CA TYR A 205 10.88 -16.22 -3.19
C TYR A 205 10.73 -17.72 -3.48
N ASN A 206 9.90 -18.38 -2.68
CA ASN A 206 9.45 -19.75 -2.85
C ASN A 206 8.00 -19.79 -2.38
N LYS A 207 7.49 -21.03 -2.39
CA LYS A 207 6.13 -21.36 -2.07
C LYS A 207 5.79 -20.97 -0.63
N GLU A 208 6.60 -21.36 0.30
CA GLU A 208 6.36 -21.10 1.72
C GLU A 208 6.26 -19.58 1.96
N ILE A 209 7.19 -18.83 1.35
CA ILE A 209 7.20 -17.40 1.64
C ILE A 209 5.91 -16.82 1.09
N LEU A 210 5.54 -17.23 -0.13
CA LEU A 210 4.35 -16.69 -0.78
C LEU A 210 3.10 -17.03 0.04
N PHE A 211 2.96 -18.29 0.42
CA PHE A 211 1.74 -18.69 1.15
C PHE A 211 1.61 -17.94 2.48
N GLU A 212 2.73 -17.74 3.18
CA GLU A 212 2.72 -16.95 4.39
C GLU A 212 2.23 -15.53 4.13
N ILE A 213 2.66 -14.88 3.06
CA ILE A 213 2.21 -13.55 2.75
C ILE A 213 0.70 -13.55 2.48
N VAL A 214 0.25 -14.49 1.64
CA VAL A 214 -1.17 -14.56 1.30
C VAL A 214 -2.03 -14.75 2.54
N ASP A 215 -1.69 -15.70 3.42
CA ASP A 215 -2.45 -15.94 4.63
C ASP A 215 -2.60 -14.66 5.47
N ARG A 216 -1.51 -13.92 5.66
CA ARG A 216 -1.47 -12.75 6.49
C ARG A 216 -2.25 -11.58 5.88
N VAL A 217 -2.19 -11.40 4.58
CA VAL A 217 -2.92 -10.31 3.98
C VAL A 217 -4.41 -10.65 3.92
N LEU A 218 -4.69 -11.92 3.73
CA LEU A 218 -6.03 -12.44 3.95
C LEU A 218 -6.50 -12.12 5.37
N ALA A 219 -5.80 -12.54 6.42
CA ALA A 219 -6.33 -12.29 7.75
C ALA A 219 -6.57 -10.80 8.02
N LEU A 220 -5.78 -9.94 7.35
CA LEU A 220 -5.89 -8.50 7.62
C LEU A 220 -7.12 -7.97 6.90
N GLY A 221 -7.73 -8.71 5.97
CA GLY A 221 -8.83 -8.13 5.24
C GLY A 221 -8.41 -7.42 3.97
N TYR A 222 -7.22 -7.69 3.42
CA TYR A 222 -6.81 -6.90 2.28
C TYR A 222 -7.17 -7.59 0.96
N VAL A 223 -7.48 -8.87 0.99
CA VAL A 223 -7.87 -9.55 -0.21
C VAL A 223 -8.98 -10.49 0.18
N LYS A 224 -9.76 -10.88 -0.83
CA LYS A 224 -10.83 -11.84 -0.73
C LYS A 224 -10.31 -13.28 -0.59
N GLN A 225 -11.03 -14.13 0.16
CA GLN A 225 -10.75 -15.56 0.33
C GLN A 225 -10.43 -16.24 -1.02
N GLU A 226 -11.16 -15.84 -2.05
CA GLU A 226 -11.11 -16.49 -3.35
C GLU A 226 -9.88 -15.99 -4.09
N PHE A 227 -9.48 -14.73 -3.88
CA PHE A 227 -8.25 -14.23 -4.46
C PHE A 227 -7.08 -14.96 -3.76
N ALA A 228 -7.17 -15.12 -2.46
CA ALA A 228 -6.14 -15.88 -1.76
C ALA A 228 -6.06 -17.32 -2.25
N ASP A 229 -7.22 -18.01 -2.32
CA ASP A 229 -7.26 -19.38 -2.84
C ASP A 229 -6.75 -19.49 -4.30
N ALA A 230 -7.10 -18.54 -5.17
CA ALA A 230 -6.58 -18.52 -6.53
C ALA A 230 -5.05 -18.34 -6.54
N ALA A 231 -4.53 -17.47 -5.63
CA ALA A 231 -3.09 -17.24 -5.57
C ALA A 231 -2.36 -18.54 -5.21
N LYS A 232 -2.85 -19.19 -4.14
CA LYS A 232 -2.19 -20.36 -3.64
C LYS A 232 -2.31 -21.49 -4.63
N ALA A 233 -3.41 -21.52 -5.38
CA ALA A 233 -3.63 -22.65 -6.29
C ALA A 233 -2.53 -22.63 -7.37
N THR A 234 -1.95 -21.47 -7.66
CA THR A 234 -0.98 -21.40 -8.75
C THR A 234 0.27 -22.18 -8.37
N MET A 235 0.49 -22.47 -7.07
CA MET A 235 1.67 -23.19 -6.69
C MET A 235 1.40 -24.56 -6.06
N GLU A 236 0.22 -25.12 -6.20
CA GLU A 236 -0.05 -26.42 -5.63
C GLU A 236 0.67 -27.56 -6.32
N ASN A 237 0.89 -27.47 -7.62
CA ASN A 237 1.40 -28.59 -8.37
C ASN A 237 2.68 -28.19 -9.12
N ARG A 238 3.21 -26.98 -8.91
CA ARG A 238 4.41 -26.58 -9.63
C ARG A 238 5.05 -25.41 -8.86
N GLY A 239 6.32 -25.17 -9.14
CA GLY A 239 7.10 -24.08 -8.58
C GLY A 239 7.66 -23.17 -9.69
N ALA A 240 8.47 -22.18 -9.27
CA ALA A 240 9.07 -21.26 -10.21
C ALA A 240 10.25 -22.01 -10.85
N ASP A 241 10.84 -21.48 -11.92
CA ASP A 241 12.06 -22.01 -12.56
C ASP A 241 13.28 -21.51 -11.79
N ARG A 242 13.43 -21.95 -10.55
CA ARG A 242 14.33 -21.35 -9.61
C ARG A 242 15.80 -21.50 -10.02
N LYS A 243 16.20 -22.68 -10.45
CA LYS A 243 17.58 -22.88 -10.91
C LYS A 243 17.89 -22.01 -12.14
N LEU A 244 16.97 -21.96 -13.13
CA LEU A 244 17.16 -21.09 -14.29
C LEU A 244 17.29 -19.62 -13.86
N TRP A 245 16.46 -19.13 -12.89
CA TRP A 245 16.61 -17.75 -12.40
C TRP A 245 17.97 -17.49 -11.76
N GLU A 246 18.44 -18.47 -10.97
CA GLU A 246 19.76 -18.38 -10.38
C GLU A 246 20.82 -18.27 -11.47
N THR A 247 20.74 -19.11 -12.53
CA THR A 247 21.75 -19.06 -13.58
C THR A 247 21.71 -17.71 -14.31
N ILE A 248 20.49 -17.24 -14.65
CA ILE A 248 20.29 -15.99 -15.37
C ILE A 248 20.88 -14.83 -14.59
N CYS A 249 20.45 -14.70 -13.32
CA CYS A 249 20.80 -13.54 -12.53
C CYS A 249 22.29 -13.58 -12.18
N LYS A 250 22.83 -14.77 -11.91
CA LYS A 250 24.25 -14.79 -11.58
C LYS A 250 25.08 -14.59 -12.85
N ASN A 251 24.56 -15.06 -13.98
CA ASN A 251 25.27 -14.85 -15.24
C ASN A 251 25.46 -13.36 -15.49
N PHE A 252 24.38 -12.56 -15.38
CA PHE A 252 24.40 -11.12 -15.48
C PHE A 252 25.27 -10.50 -14.37
N LEU A 253 24.94 -10.68 -13.10
CA LEU A 253 25.56 -9.88 -12.06
C LEU A 253 27.06 -10.16 -11.94
N LYS A 254 27.51 -11.37 -12.25
CA LYS A 254 28.89 -11.74 -12.04
C LYS A 254 29.64 -11.77 -13.37
N GLY A 255 29.02 -11.43 -14.50
CA GLY A 255 29.73 -11.39 -15.75
C GLY A 255 30.27 -12.78 -16.09
N ARG A 256 29.49 -13.81 -15.92
CA ARG A 256 29.98 -15.14 -16.22
C ARG A 256 29.85 -15.54 -17.68
N VAL A 257 29.12 -14.78 -18.49
CA VAL A 257 28.94 -15.15 -19.89
C VAL A 257 29.03 -13.82 -20.63
N PRO A 258 29.07 -13.78 -21.98
CA PRO A 258 29.03 -12.50 -22.71
C PRO A 258 27.76 -11.69 -22.40
N THR A 259 27.87 -10.37 -22.47
CA THR A 259 26.73 -9.49 -22.21
C THR A 259 25.77 -9.65 -23.40
N ASN A 260 24.48 -9.53 -23.17
CA ASN A 260 23.43 -9.86 -24.11
C ASN A 260 23.48 -9.10 -25.45
N GLN B 14 -39.78 6.88 9.45
CA GLN B 14 -38.89 5.68 9.42
C GLN B 14 -37.49 6.05 8.89
N LYS B 15 -36.46 5.85 9.72
CA LYS B 15 -35.11 6.32 9.41
C LYS B 15 -34.23 5.23 8.81
N ARG B 16 -33.54 5.59 7.72
CA ARG B 16 -32.72 4.66 6.93
C ARG B 16 -31.36 5.27 6.64
N TYR B 17 -30.29 4.45 6.82
CA TYR B 17 -28.91 4.86 6.65
C TYR B 17 -28.13 3.80 5.85
N ALA B 18 -27.37 4.26 4.85
CA ALA B 18 -26.58 3.37 4.03
C ALA B 18 -25.09 3.47 4.42
N LEU B 19 -24.45 2.33 4.55
CA LEU B 19 -23.06 2.26 4.92
C LEU B 19 -22.35 1.67 3.71
N PHE B 20 -21.37 2.40 3.21
CA PHE B 20 -20.57 1.89 2.10
C PHE B 20 -19.23 1.38 2.62
N LEU B 21 -19.14 0.07 2.62
CA LEU B 21 -18.04 -0.63 3.20
C LEU B 21 -16.97 -0.75 2.14
N ALA B 22 -15.97 0.11 2.25
CA ALA B 22 -14.83 0.07 1.32
C ALA B 22 -13.70 -0.83 1.84
N THR B 23 -13.96 -1.64 2.86
CA THR B 23 -12.97 -2.64 3.25
C THR B 23 -13.71 -3.95 3.44
N LEU B 24 -13.01 -5.05 3.16
CA LEU B 24 -13.40 -6.37 3.65
C LEU B 24 -13.33 -6.46 5.18
N ASP B 25 -14.04 -7.46 5.75
CA ASP B 25 -13.88 -7.80 7.14
C ASP B 25 -12.59 -8.54 7.41
N SER B 26 -11.87 -8.10 8.44
CA SER B 26 -10.68 -8.82 8.87
C SER B 26 -11.05 -10.02 9.70
N GLU B 27 -10.06 -10.92 9.86
CA GLU B 27 -10.27 -12.07 10.70
C GLU B 27 -10.67 -11.63 12.12
N PHE B 28 -9.97 -10.64 12.70
CA PHE B 28 -10.22 -10.21 14.06
C PHE B 28 -11.63 -9.56 14.14
N VAL B 29 -12.00 -8.78 13.11
CA VAL B 29 -13.22 -8.03 13.21
C VAL B 29 -14.38 -9.00 12.98
N LYS B 30 -14.27 -9.90 12.00
CA LYS B 30 -15.26 -10.95 11.81
C LYS B 30 -15.50 -11.76 13.11
N LYS B 31 -14.45 -12.31 13.70
CA LYS B 31 -14.57 -13.16 14.87
C LYS B 31 -15.05 -12.40 16.10
N THR B 32 -14.60 -11.17 16.34
CA THR B 32 -14.88 -10.48 17.58
C THR B 32 -16.24 -9.74 17.53
N TYR B 33 -16.62 -9.23 16.36
CA TYR B 33 -17.78 -8.33 16.28
C TYR B 33 -18.81 -8.82 15.28
N GLY B 34 -18.42 -9.80 14.48
CA GLY B 34 -19.25 -10.28 13.38
C GLY B 34 -19.13 -9.46 12.11
N GLY B 35 -18.19 -8.51 12.05
CA GLY B 35 -17.88 -7.78 10.84
C GLY B 35 -18.02 -6.25 10.98
N TYR B 36 -17.58 -5.57 9.91
CA TYR B 36 -17.58 -4.11 9.95
C TYR B 36 -18.99 -3.52 9.93
N HIS B 37 -19.95 -4.19 9.30
CA HIS B 37 -21.34 -3.78 9.41
C HIS B 37 -21.68 -3.49 10.88
N ASN B 38 -21.52 -4.47 11.76
CA ASN B 38 -21.87 -4.34 13.17
C ASN B 38 -21.01 -3.26 13.87
N VAL B 39 -19.74 -3.20 13.58
CA VAL B 39 -18.85 -2.19 14.14
C VAL B 39 -19.42 -0.79 13.87
N PHE B 40 -19.77 -0.51 12.62
CA PHE B 40 -20.34 0.79 12.25
C PHE B 40 -21.70 1.08 12.90
N VAL B 41 -22.54 0.05 12.92
CA VAL B 41 -23.86 0.18 13.47
C VAL B 41 -23.81 0.35 14.97
N THR B 42 -22.98 -0.42 15.71
CA THR B 42 -22.70 -0.11 17.10
C THR B 42 -22.30 1.37 17.29
N THR B 43 -21.40 1.88 16.44
CA THR B 43 -20.87 3.20 16.69
C THR B 43 -21.90 4.31 16.47
N PHE B 44 -22.58 4.28 15.30
CA PHE B 44 -23.33 5.40 14.79
C PHE B 44 -24.84 5.15 14.77
N GLY B 45 -25.25 3.91 15.06
CA GLY B 45 -26.66 3.51 15.06
C GLY B 45 -27.40 3.86 16.35
N ASP B 46 -28.70 4.19 16.24
CA ASP B 46 -29.61 4.27 17.39
C ASP B 46 -30.78 3.29 17.17
N GLU B 47 -31.50 2.92 18.25
CA GLU B 47 -32.62 1.98 18.14
C GLU B 47 -33.67 2.43 17.11
N GLY B 48 -34.19 1.49 16.33
CA GLY B 48 -35.32 1.74 15.44
C GLY B 48 -34.95 2.08 14.01
N GLU B 49 -33.67 2.31 13.71
CA GLU B 49 -33.25 2.72 12.36
C GLU B 49 -32.94 1.48 11.51
N HIS B 50 -33.02 1.62 10.19
CA HIS B 50 -32.58 0.55 9.31
C HIS B 50 -31.24 0.95 8.70
N TRP B 51 -30.25 0.04 8.82
CA TRP B 51 -28.92 0.25 8.25
C TRP B 51 -28.74 -0.74 7.16
N ASP B 52 -28.59 -0.32 5.89
CA ASP B 52 -28.19 -1.18 4.81
C ASP B 52 -26.69 -0.98 4.60
N SER B 53 -25.86 -2.04 4.53
CA SER B 53 -24.51 -1.89 4.05
C SER B 53 -24.35 -2.49 2.65
N PHE B 54 -23.41 -1.89 1.90
CA PHE B 54 -23.02 -2.21 0.57
C PHE B 54 -21.52 -2.38 0.56
N ARG B 55 -21.06 -3.58 0.16
CA ARG B 55 -19.63 -3.93 0.10
C ARG B 55 -19.07 -3.34 -1.19
N VAL B 56 -18.85 -2.03 -1.16
CA VAL B 56 -18.47 -1.35 -2.37
C VAL B 56 -17.11 -1.82 -2.88
N VAL B 57 -16.25 -2.27 -1.99
CA VAL B 57 -14.94 -2.77 -2.35
C VAL B 57 -15.07 -3.98 -3.28
N SER B 58 -16.13 -4.78 -3.17
CA SER B 58 -16.35 -5.95 -3.99
C SER B 58 -17.34 -5.59 -5.11
N GLY B 59 -17.53 -4.29 -5.36
CA GLY B 59 -18.36 -3.84 -6.46
C GLY B 59 -19.88 -3.89 -6.20
N GLU B 60 -20.35 -4.07 -4.95
CA GLU B 60 -21.78 -3.97 -4.65
C GLU B 60 -22.25 -2.59 -4.17
N PHE B 61 -23.17 -1.98 -4.91
CA PHE B 61 -23.69 -0.65 -4.66
C PHE B 61 -25.20 -0.58 -4.66
N PRO B 62 -25.81 0.44 -4.04
CA PRO B 62 -27.26 0.64 -4.21
C PRO B 62 -27.51 1.06 -5.65
N ASP B 63 -28.75 0.85 -6.12
CA ASP B 63 -29.18 1.44 -7.38
C ASP B 63 -29.35 2.94 -7.18
N GLU B 64 -29.03 3.69 -8.22
CA GLU B 64 -29.24 5.14 -8.31
C GLU B 64 -30.62 5.56 -7.77
N LYS B 65 -31.64 4.80 -8.15
CA LYS B 65 -33.04 5.19 -7.91
C LYS B 65 -33.37 5.01 -6.44
N ASP B 66 -32.70 4.09 -5.75
CA ASP B 66 -32.87 3.93 -4.32
C ASP B 66 -32.15 4.98 -3.46
N LEU B 67 -31.23 5.77 -3.98
CA LEU B 67 -30.55 6.71 -3.09
C LEU B 67 -31.52 7.62 -2.34
N GLU B 68 -32.69 7.95 -2.89
CA GLU B 68 -33.51 9.01 -2.29
C GLU B 68 -34.11 8.57 -0.96
N LYS B 69 -34.21 7.28 -0.72
CA LYS B 69 -34.86 6.82 0.50
C LYS B 69 -33.90 6.85 1.69
N TYR B 70 -32.60 7.13 1.50
CA TYR B 70 -31.72 7.15 2.67
C TYR B 70 -31.71 8.52 3.34
N ASP B 71 -31.71 8.52 4.67
CA ASP B 71 -31.57 9.77 5.40
C ASP B 71 -30.09 10.20 5.50
N GLY B 72 -29.13 9.32 5.20
CA GLY B 72 -27.71 9.68 5.14
C GLY B 72 -26.87 8.46 4.80
N PHE B 73 -25.56 8.69 4.61
CA PHE B 73 -24.63 7.70 4.18
C PHE B 73 -23.34 7.81 4.98
N VAL B 74 -22.66 6.68 5.18
CA VAL B 74 -21.36 6.66 5.82
C VAL B 74 -20.43 5.96 4.85
N ILE B 75 -19.24 6.52 4.62
CA ILE B 75 -18.24 5.79 3.80
C ILE B 75 -17.10 5.35 4.72
N SER B 76 -16.83 4.07 4.81
CA SER B 76 -15.79 3.55 5.70
C SER B 76 -14.37 3.87 5.25
N GLY B 77 -13.44 3.41 6.09
CA GLY B 77 -12.05 3.21 5.76
C GLY B 77 -11.83 2.08 4.75
N SER B 78 -10.59 2.04 4.22
CA SER B 78 -10.15 1.05 3.27
C SER B 78 -8.63 0.83 3.42
N SER B 79 -8.18 -0.34 3.05
CA SER B 79 -6.78 -0.64 2.77
C SER B 79 -6.42 -0.12 1.38
N HIS B 80 -7.40 0.07 0.46
CA HIS B 80 -7.08 0.75 -0.80
C HIS B 80 -6.76 2.22 -0.60
N ASP B 81 -6.06 2.81 -1.56
CA ASP B 81 -5.82 4.24 -1.57
C ASP B 81 -6.93 4.96 -2.32
N ALA B 82 -7.40 6.09 -1.77
CA ALA B 82 -8.44 6.86 -2.43
C ALA B 82 -7.94 7.58 -3.69
N PHE B 83 -6.67 7.44 -4.08
CA PHE B 83 -6.26 8.00 -5.37
C PHE B 83 -6.29 6.93 -6.48
N GLU B 84 -6.56 5.67 -6.15
CA GLU B 84 -6.49 4.62 -7.19
C GLU B 84 -7.71 4.71 -8.10
N ASN B 85 -7.61 4.01 -9.24
CA ASN B 85 -8.56 4.06 -10.32
C ASN B 85 -9.27 2.73 -10.59
N ASP B 86 -9.27 1.79 -9.66
CA ASP B 86 -10.02 0.55 -9.80
C ASP B 86 -11.50 0.85 -10.11
N ASP B 87 -12.14 -0.04 -10.87
CA ASP B 87 -13.51 0.14 -11.27
C ASP B 87 -14.47 0.50 -10.11
N TRP B 88 -14.40 -0.20 -8.97
CA TRP B 88 -15.31 0.04 -7.86
C TRP B 88 -15.05 1.45 -7.24
N ILE B 89 -13.79 1.95 -7.25
CA ILE B 89 -13.52 3.32 -6.77
C ILE B 89 -14.13 4.35 -7.71
N LEU B 90 -13.99 4.14 -9.01
CA LEU B 90 -14.60 5.11 -9.94
C LEU B 90 -16.13 5.13 -9.78
N LYS B 91 -16.73 3.92 -9.63
CA LYS B 91 -18.17 3.84 -9.44
C LYS B 91 -18.58 4.49 -8.13
N LEU B 92 -17.77 4.29 -7.04
CA LEU B 92 -18.05 4.98 -5.78
C LEU B 92 -17.98 6.51 -5.91
N CYS B 93 -17.03 7.01 -6.69
CA CYS B 93 -16.91 8.46 -6.95
C CYS B 93 -18.16 9.00 -7.67
N ASP B 94 -18.67 8.28 -8.66
CA ASP B 94 -19.88 8.71 -9.35
C ASP B 94 -21.11 8.68 -8.47
N ILE B 95 -21.24 7.61 -7.67
CA ILE B 95 -22.31 7.52 -6.71
C ILE B 95 -22.23 8.68 -5.69
N VAL B 96 -21.04 8.95 -5.18
CA VAL B 96 -20.91 10.01 -4.18
C VAL B 96 -21.26 11.38 -4.79
N LYS B 97 -20.83 11.65 -6.02
CA LYS B 97 -21.17 12.85 -6.77
C LYS B 97 -22.69 12.99 -6.84
N LYS B 98 -23.36 11.89 -7.20
CA LYS B 98 -24.81 11.95 -7.29
C LYS B 98 -25.39 12.27 -5.92
N ILE B 99 -24.95 11.55 -4.86
CA ILE B 99 -25.47 11.80 -3.52
C ILE B 99 -25.26 13.27 -3.10
N ASP B 100 -24.07 13.78 -3.43
CA ASP B 100 -23.69 15.14 -3.10
C ASP B 100 -24.64 16.13 -3.78
N GLU B 101 -24.92 15.92 -5.06
CA GLU B 101 -25.85 16.77 -5.83
C GLU B 101 -27.25 16.74 -5.21
N MET B 102 -27.63 15.64 -4.54
CA MET B 102 -28.92 15.52 -3.90
C MET B 102 -28.91 16.22 -2.54
N LYS B 103 -27.74 16.66 -2.07
CA LYS B 103 -27.57 17.32 -0.80
C LYS B 103 -27.89 16.36 0.33
N LYS B 104 -27.66 15.07 0.10
CA LYS B 104 -27.85 14.10 1.16
C LYS B 104 -26.62 14.12 2.06
N LYS B 105 -26.81 13.78 3.34
CA LYS B 105 -25.72 13.72 4.28
C LYS B 105 -24.77 12.55 3.98
N ILE B 106 -23.47 12.85 3.90
CA ILE B 106 -22.45 11.78 3.88
C ILE B 106 -21.39 12.09 4.95
N LEU B 107 -21.12 11.10 5.80
CA LEU B 107 -20.01 11.11 6.73
C LEU B 107 -18.88 10.26 6.12
N GLY B 108 -17.73 10.85 5.86
CA GLY B 108 -16.60 10.11 5.34
C GLY B 108 -15.52 9.89 6.39
N ILE B 109 -15.12 8.63 6.57
CA ILE B 109 -14.12 8.22 7.57
C ILE B 109 -12.92 7.75 6.76
N CYS B 110 -11.76 8.33 7.03
N CYS B 110 -11.77 8.37 6.97
CA CYS B 110 -10.49 7.94 6.43
CA CYS B 110 -10.51 7.87 6.46
C CYS B 110 -10.64 7.89 4.90
C CYS B 110 -10.54 7.90 4.93
N PHE B 111 -10.41 6.71 4.30
CA PHE B 111 -10.66 6.61 2.87
C PHE B 111 -11.89 7.42 2.43
N GLY B 112 -13.00 7.29 3.17
CA GLY B 112 -14.22 8.03 2.85
C GLY B 112 -14.07 9.57 2.81
N HIS B 113 -13.31 10.10 3.76
CA HIS B 113 -12.95 11.52 3.83
C HIS B 113 -12.25 11.87 2.52
N GLN B 114 -11.28 11.03 2.17
CA GLN B 114 -10.48 11.33 0.96
C GLN B 114 -11.33 11.18 -0.32
N ILE B 115 -12.26 10.18 -0.38
CA ILE B 115 -13.15 10.05 -1.54
C ILE B 115 -13.95 11.33 -1.73
N ILE B 116 -14.58 11.85 -0.66
CA ILE B 116 -15.36 13.06 -0.80
C ILE B 116 -14.49 14.20 -1.31
N ALA B 117 -13.27 14.32 -0.77
CA ALA B 117 -12.36 15.32 -1.23
C ALA B 117 -12.05 15.18 -2.73
N ARG B 118 -11.76 13.97 -3.20
CA ARG B 118 -11.48 13.72 -4.59
C ARG B 118 -12.67 14.13 -5.47
N VAL B 119 -13.88 13.82 -5.06
CA VAL B 119 -15.04 14.15 -5.88
C VAL B 119 -15.20 15.66 -6.00
N ARG B 120 -14.78 16.44 -4.94
CA ARG B 120 -14.88 17.87 -4.85
C ARG B 120 -13.61 18.54 -5.34
N GLY B 121 -12.82 17.80 -6.14
CA GLY B 121 -11.66 18.39 -6.80
C GLY B 121 -10.37 18.51 -6.01
N GLY B 122 -10.36 17.95 -4.77
CA GLY B 122 -9.13 17.89 -4.00
C GLY B 122 -8.15 16.86 -4.53
N THR B 123 -6.94 16.82 -3.98
CA THR B 123 -5.93 15.86 -4.37
C THR B 123 -5.55 15.08 -3.10
N VAL B 124 -5.50 13.76 -3.29
CA VAL B 124 -5.18 12.78 -2.27
C VAL B 124 -3.90 12.12 -2.70
N GLY B 125 -2.99 11.91 -1.76
CA GLY B 125 -1.80 11.12 -2.05
C GLY B 125 -1.17 10.64 -0.74
N ARG B 126 -0.06 9.91 -0.84
CA ARG B 126 0.66 9.43 0.33
C ARG B 126 1.06 10.57 1.22
N ALA B 127 0.97 10.32 2.52
CA ALA B 127 1.12 11.37 3.51
C ALA B 127 2.58 11.81 3.48
N LYS B 128 2.72 13.16 3.34
CA LYS B 128 3.97 13.91 3.37
C LYS B 128 4.77 13.47 4.58
N LYS B 129 4.11 13.52 5.75
CA LYS B 129 4.75 13.23 7.02
C LYS B 129 4.48 11.77 7.40
N GLY B 130 4.69 10.84 6.46
CA GLY B 130 4.77 9.42 6.77
C GLY B 130 3.43 8.85 7.23
N PRO B 131 3.32 7.49 7.39
CA PRO B 131 2.15 6.90 8.05
C PRO B 131 1.97 7.00 9.58
N GLU B 132 0.70 6.84 9.94
CA GLU B 132 0.28 6.83 11.31
C GLU B 132 -0.75 5.71 11.48
N LEU B 133 -0.49 5.05 12.61
CA LEU B 133 -1.24 3.94 13.11
C LEU B 133 -1.33 4.15 14.61
N LYS B 134 -2.17 5.05 15.13
CA LYS B 134 -2.03 5.34 16.56
C LYS B 134 -3.21 6.13 17.10
N LEU B 135 -3.27 6.25 18.45
CA LEU B 135 -4.15 7.26 19.05
C LEU B 135 -3.44 8.61 18.95
N GLY B 136 -4.09 9.60 18.39
CA GLY B 136 -3.52 10.93 18.44
C GLY B 136 -4.60 11.94 18.81
N ASP B 137 -4.21 13.21 18.83
CA ASP B 137 -5.05 14.31 19.19
C ASP B 137 -5.09 15.30 18.03
N ILE B 138 -6.25 15.95 17.84
CA ILE B 138 -6.43 16.94 16.80
C ILE B 138 -6.97 18.21 17.43
N THR B 139 -6.49 19.35 16.98
CA THR B 139 -6.83 20.67 17.47
C THR B 139 -8.08 21.17 16.72
N ILE B 140 -9.09 21.61 17.49
CA ILE B 140 -10.32 22.09 16.90
C ILE B 140 -10.12 23.53 16.47
N VAL B 141 -10.57 23.88 15.28
CA VAL B 141 -10.68 25.28 14.88
C VAL B 141 -12.01 25.84 15.44
N LYS B 142 -11.99 26.35 16.67
CA LYS B 142 -13.23 26.65 17.39
C LYS B 142 -14.03 27.76 16.68
N ASP B 143 -13.35 28.62 15.91
CA ASP B 143 -13.96 29.77 15.24
C ASP B 143 -14.95 29.27 14.21
N ALA B 144 -14.73 28.02 13.76
CA ALA B 144 -15.52 27.48 12.67
C ALA B 144 -16.68 26.64 13.20
N ILE B 145 -16.94 26.64 14.52
CA ILE B 145 -18.04 25.86 15.08
C ILE B 145 -18.99 26.67 16.01
N THR B 146 -20.29 26.47 15.82
CA THR B 146 -21.35 27.09 16.60
C THR B 146 -21.56 26.33 17.93
N PRO B 147 -21.63 27.03 19.10
CA PRO B 147 -22.18 26.47 20.35
C PRO B 147 -23.60 25.95 20.07
N GLY B 148 -23.92 24.74 20.56
CA GLY B 148 -25.19 24.07 20.33
C GLY B 148 -25.28 23.28 19.00
N SER B 149 -24.26 23.30 18.11
CA SER B 149 -24.35 22.48 16.87
C SER B 149 -23.75 21.09 17.10
N TYR B 150 -23.32 20.42 16.01
CA TYR B 150 -22.93 19.02 16.07
C TYR B 150 -21.95 18.82 17.23
N PHE B 151 -21.10 19.83 17.50
CA PHE B 151 -20.03 19.69 18.48
C PHE B 151 -20.47 19.83 19.95
N GLY B 152 -21.76 20.02 20.22
CA GLY B 152 -22.27 20.20 21.58
C GLY B 152 -22.25 21.67 22.00
N ASN B 153 -22.41 21.91 23.31
CA ASN B 153 -22.32 23.27 23.82
C ASN B 153 -20.86 23.68 24.06
N GLU B 154 -20.18 23.10 25.08
CA GLU B 154 -18.75 23.33 25.24
C GLU B 154 -18.02 22.60 24.09
N ILE B 155 -17.18 23.32 23.38
CA ILE B 155 -16.40 22.83 22.26
C ILE B 155 -14.99 22.60 22.79
N PRO B 156 -14.43 21.37 22.77
CA PRO B 156 -13.12 21.18 23.38
C PRO B 156 -12.03 21.77 22.49
N ASP B 157 -10.87 22.02 23.09
CA ASP B 157 -9.71 22.50 22.37
C ASP B 157 -9.18 21.45 21.42
N SER B 158 -9.29 20.18 21.85
CA SER B 158 -8.72 19.07 21.10
C SER B 158 -9.48 17.82 21.42
N ILE B 159 -9.43 16.87 20.47
CA ILE B 159 -10.19 15.66 20.63
C ILE B 159 -9.25 14.50 20.30
N ALA B 160 -9.34 13.40 21.06
CA ALA B 160 -8.46 12.24 20.82
C ALA B 160 -9.15 11.26 19.87
N ILE B 161 -8.47 10.73 18.85
CA ILE B 161 -9.06 9.83 17.89
C ILE B 161 -7.95 8.90 17.41
N ILE B 162 -8.32 7.65 17.11
CA ILE B 162 -7.45 6.73 16.45
C ILE B 162 -7.24 7.14 14.98
N LYS B 163 -6.03 7.50 14.61
N LYS B 163 -5.97 7.13 14.58
CA LYS B 163 -5.73 8.14 13.35
CA LYS B 163 -5.54 7.30 13.19
C LYS B 163 -5.48 7.15 12.21
C LYS B 163 -4.89 6.02 12.66
N CYS B 164 -5.84 7.59 10.99
N CYS B 164 -5.31 5.64 11.44
CA CYS B 164 -5.62 6.87 9.75
CA CYS B 164 -4.71 4.56 10.68
C CYS B 164 -4.80 7.79 8.83
C CYS B 164 -4.86 4.81 9.20
N HIS B 165 -3.47 7.63 8.80
N HIS B 165 -3.77 5.19 8.53
CA HIS B 165 -2.60 8.57 8.09
CA HIS B 165 -3.90 5.69 7.19
C HIS B 165 -1.63 7.79 7.20
C HIS B 165 -2.50 6.07 6.74
N GLN B 166 -2.13 6.82 6.39
N GLN B 166 -2.27 5.94 5.43
CA GLN B 166 -1.38 6.33 5.24
CA GLN B 166 -1.00 6.30 4.83
C GLN B 166 -1.27 7.43 4.17
C GLN B 166 -1.19 7.55 3.99
N ASP B 167 -2.44 7.98 3.81
CA ASP B 167 -2.66 9.00 2.81
C ASP B 167 -3.15 10.27 3.49
N GLU B 168 -3.27 11.29 2.64
CA GLU B 168 -3.94 12.49 3.11
C GLU B 168 -4.49 13.30 1.94
N VAL B 169 -5.27 14.32 2.34
CA VAL B 169 -5.68 15.36 1.40
C VAL B 169 -4.55 16.40 1.33
N LEU B 170 -3.85 16.45 0.17
CA LEU B 170 -2.69 17.32 -0.06
C LEU B 170 -3.15 18.66 -0.54
N VAL B 171 -4.30 18.71 -1.23
CA VAL B 171 -4.91 19.95 -1.65
C VAL B 171 -6.40 19.80 -1.35
N LEU B 172 -6.84 20.73 -0.55
CA LEU B 172 -8.19 20.79 -0.06
C LEU B 172 -9.16 21.36 -1.10
N PRO B 173 -10.36 20.77 -1.29
CA PRO B 173 -11.35 21.33 -2.19
C PRO B 173 -11.60 22.77 -1.79
N GLU B 174 -11.93 23.66 -2.77
N GLU B 174 -11.91 23.53 -2.84
CA GLU B 174 -12.16 25.09 -2.50
CA GLU B 174 -12.22 24.94 -2.81
C GLU B 174 -13.36 25.23 -1.56
C GLU B 174 -13.30 25.19 -1.74
N THR B 175 -14.34 24.35 -1.74
CA THR B 175 -15.54 24.53 -0.91
C THR B 175 -15.40 24.05 0.54
N ALA B 176 -14.24 23.48 0.95
CA ALA B 176 -14.17 22.89 2.29
C ALA B 176 -13.80 23.88 3.41
N LYS B 177 -14.37 23.69 4.59
CA LYS B 177 -14.03 24.44 5.78
C LYS B 177 -13.26 23.49 6.72
N VAL B 178 -12.04 23.86 7.14
CA VAL B 178 -11.23 23.04 8.04
C VAL B 178 -11.75 23.12 9.46
N LEU B 179 -12.07 21.98 10.09
CA LEU B 179 -12.59 22.02 11.47
C LEU B 179 -11.55 21.57 12.51
N ALA B 180 -10.49 20.89 12.06
CA ALA B 180 -9.43 20.49 12.97
C ALA B 180 -8.20 20.19 12.18
N TYR B 181 -7.07 20.30 12.89
CA TYR B 181 -5.77 20.02 12.30
C TYR B 181 -4.84 19.44 13.35
N SER B 182 -3.67 19.00 12.89
CA SER B 182 -2.61 18.61 13.79
C SER B 182 -1.34 19.26 13.27
N LYS B 183 -0.22 19.00 13.93
CA LYS B 183 1.07 19.56 13.58
C LYS B 183 1.50 19.05 12.20
N ASN B 184 1.32 17.74 11.95
CA ASN B 184 1.83 17.13 10.72
C ASN B 184 0.79 17.05 9.59
N TYR B 185 -0.43 17.59 9.79
CA TYR B 185 -1.49 17.50 8.77
C TYR B 185 -2.55 18.59 9.00
N GLU B 186 -2.79 19.35 7.95
CA GLU B 186 -3.67 20.48 8.11
C GLU B 186 -5.12 20.05 7.92
N VAL B 187 -5.37 18.80 7.55
CA VAL B 187 -6.76 18.47 7.27
C VAL B 187 -7.11 17.21 8.07
N GLU B 188 -7.36 17.35 9.38
CA GLU B 188 -7.80 16.23 10.17
C GLU B 188 -9.33 16.09 10.10
N MET B 189 -10.05 17.19 9.94
CA MET B 189 -11.50 17.16 9.90
C MET B 189 -11.95 18.37 9.08
N TYR B 190 -13.02 18.24 8.30
CA TYR B 190 -13.48 19.33 7.41
C TYR B 190 -14.93 19.06 7.06
N SER B 191 -15.68 20.12 6.74
CA SER B 191 -17.06 20.06 6.23
C SER B 191 -17.17 20.83 4.90
N ILE B 192 -18.15 20.40 4.11
CA ILE B 192 -18.55 21.08 2.87
C ILE B 192 -20.04 21.29 2.97
N GLU B 193 -20.44 22.57 2.88
CA GLU B 193 -21.84 22.99 3.02
C GLU B 193 -22.38 22.38 4.29
N ASP B 194 -23.60 21.90 4.22
CA ASP B 194 -24.24 21.36 5.41
C ASP B 194 -24.35 19.84 5.29
N HIS B 195 -23.86 19.25 4.23
CA HIS B 195 -24.20 17.84 4.10
C HIS B 195 -23.00 16.89 3.94
N LEU B 196 -21.78 17.40 3.93
CA LEU B 196 -20.60 16.58 3.89
C LEU B 196 -19.74 16.85 5.11
N PHE B 197 -19.28 15.78 5.76
CA PHE B 197 -18.55 15.92 7.02
C PHE B 197 -17.52 14.81 7.03
N CYS B 198 -16.22 15.17 7.22
CA CYS B 198 -15.12 14.24 6.94
C CYS B 198 -14.09 14.23 8.08
N ILE B 199 -13.66 13.01 8.44
CA ILE B 199 -12.70 12.80 9.53
C ILE B 199 -11.60 11.83 9.08
N GLN B 200 -10.35 12.22 9.23
CA GLN B 200 -9.21 11.35 8.99
C GLN B 200 -8.78 10.58 10.25
N GLY B 201 -9.71 9.88 10.84
CA GLY B 201 -9.42 8.96 11.90
C GLY B 201 -10.66 8.10 11.95
N HIS B 202 -10.64 7.13 12.84
CA HIS B 202 -11.67 6.11 12.92
C HIS B 202 -12.37 6.23 14.26
N PRO B 203 -13.50 6.92 14.34
CA PRO B 203 -14.32 6.88 15.57
C PRO B 203 -14.75 5.47 15.97
N GLU B 204 -14.89 4.62 14.97
CA GLU B 204 -15.42 3.26 15.10
C GLU B 204 -14.35 2.26 15.53
N TYR B 205 -13.10 2.66 15.50
CA TYR B 205 -12.04 1.77 15.95
C TYR B 205 -11.96 1.79 17.47
N ASN B 206 -11.20 0.82 18.03
CA ASN B 206 -10.88 0.78 19.46
C ASN B 206 -9.50 0.19 19.59
N LYS B 207 -9.03 0.07 20.83
CA LYS B 207 -7.66 -0.36 21.08
C LYS B 207 -7.42 -1.80 20.62
N GLU B 208 -8.40 -2.64 20.77
CA GLU B 208 -8.27 -4.03 20.37
C GLU B 208 -8.12 -4.07 18.85
N ILE B 209 -8.90 -3.27 18.10
CA ILE B 209 -8.80 -3.30 16.66
C ILE B 209 -7.42 -2.78 16.24
N LEU B 210 -6.94 -1.73 16.89
CA LEU B 210 -5.66 -1.12 16.52
C LEU B 210 -4.51 -2.11 16.77
N PHE B 211 -4.49 -2.69 17.97
CA PHE B 211 -3.42 -3.59 18.40
C PHE B 211 -3.33 -4.77 17.46
N GLU B 212 -4.49 -5.31 17.04
CA GLU B 212 -4.46 -6.39 16.08
C GLU B 212 -3.86 -5.95 14.74
N ILE B 213 -4.24 -4.78 14.18
CA ILE B 213 -3.63 -4.35 12.93
C ILE B 213 -2.11 -4.20 13.11
N VAL B 214 -1.68 -3.53 14.19
CA VAL B 214 -0.26 -3.30 14.35
C VAL B 214 0.50 -4.62 14.35
N ASP B 215 0.08 -5.56 15.21
CA ASP B 215 0.76 -6.85 15.30
C ASP B 215 0.80 -7.53 13.94
N ARG B 216 -0.23 -7.38 13.11
CA ARG B 216 -0.19 -8.12 11.87
C ARG B 216 0.74 -7.45 10.86
N VAL B 217 0.76 -6.13 10.85
CA VAL B 217 1.60 -5.41 9.91
C VAL B 217 3.05 -5.47 10.35
N LEU B 218 3.30 -5.55 11.66
CA LEU B 218 4.61 -5.90 12.17
C LEU B 218 5.04 -7.28 11.64
N ALA B 219 4.19 -8.31 11.71
CA ALA B 219 4.64 -9.65 11.43
C ALA B 219 4.96 -9.76 9.94
N LEU B 220 4.24 -8.95 9.13
CA LEU B 220 4.46 -8.85 7.71
C LEU B 220 5.82 -8.26 7.37
N GLY B 221 6.41 -7.48 8.28
CA GLY B 221 7.61 -6.75 7.99
C GLY B 221 7.38 -5.38 7.36
N TYR B 222 6.19 -4.80 7.50
CA TYR B 222 5.94 -3.55 6.86
C TYR B 222 6.27 -2.36 7.77
N VAL B 223 6.40 -2.56 9.07
CA VAL B 223 6.85 -1.48 9.94
C VAL B 223 7.94 -2.00 10.85
N LYS B 224 8.73 -1.08 11.40
CA LYS B 224 9.76 -1.44 12.37
C LYS B 224 9.13 -1.74 13.73
N GLN B 225 9.82 -2.56 14.53
CA GLN B 225 9.30 -3.03 15.79
C GLN B 225 9.08 -1.80 16.69
N GLU B 226 9.92 -0.79 16.48
CA GLU B 226 9.96 0.39 17.34
C GLU B 226 8.75 1.22 17.03
N PHE B 227 8.39 1.29 15.76
CA PHE B 227 7.23 2.05 15.37
C PHE B 227 5.94 1.41 15.88
N ALA B 228 5.90 0.07 15.82
CA ALA B 228 4.80 -0.72 16.35
C ALA B 228 4.71 -0.47 17.84
N ASP B 229 5.83 -0.56 18.52
CA ASP B 229 5.80 -0.41 19.97
C ASP B 229 5.31 1.01 20.35
N ALA B 230 5.76 2.04 19.62
CA ALA B 230 5.28 3.41 19.79
C ALA B 230 3.78 3.59 19.50
N ALA B 231 3.31 2.93 18.43
CA ALA B 231 1.90 2.93 18.07
C ALA B 231 1.01 2.40 19.20
N LYS B 232 1.40 1.26 19.72
CA LYS B 232 0.61 0.64 20.76
C LYS B 232 0.72 1.41 22.08
N ALA B 233 1.92 1.90 22.35
CA ALA B 233 2.15 2.67 23.56
C ALA B 233 1.18 3.86 23.66
N THR B 234 0.66 4.39 22.53
CA THR B 234 -0.22 5.55 22.54
C THR B 234 -1.57 5.24 23.16
N MET B 235 -1.97 3.95 23.21
CA MET B 235 -3.21 3.48 23.80
C MET B 235 -3.01 2.59 25.05
N GLU B 236 -1.83 2.56 25.63
CA GLU B 236 -1.63 1.76 26.85
C GLU B 236 -2.40 2.33 28.04
N ASN B 237 -2.60 3.63 28.12
CA ASN B 237 -3.17 4.23 29.31
C ASN B 237 -4.29 5.18 28.95
N ARG B 238 -4.80 5.27 27.70
CA ARG B 238 -5.81 6.27 27.37
C ARG B 238 -6.46 5.72 26.12
N GLY B 239 -7.75 6.04 25.91
CA GLY B 239 -8.48 5.69 24.73
C GLY B 239 -8.90 6.97 24.01
N ALA B 240 -9.59 6.79 22.87
CA ALA B 240 -10.08 7.89 22.07
C ALA B 240 -11.28 8.49 22.81
N ASP B 241 -11.70 9.69 22.41
CA ASP B 241 -12.89 10.30 22.98
C ASP B 241 -14.16 9.69 22.35
N ARG B 242 -14.46 8.41 22.63
CA ARG B 242 -15.43 7.68 21.81
C ARG B 242 -16.85 8.28 21.93
N LYS B 243 -17.25 8.62 23.16
CA LYS B 243 -18.60 9.13 23.39
C LYS B 243 -18.79 10.45 22.66
N LEU B 244 -17.74 11.29 22.68
CA LEU B 244 -17.86 12.57 22.02
C LEU B 244 -17.99 12.38 20.50
N TRP B 245 -17.17 11.48 19.93
CA TRP B 245 -17.28 11.20 18.50
C TRP B 245 -18.64 10.66 18.15
N GLU B 246 -19.14 9.70 18.92
CA GLU B 246 -20.50 9.26 18.62
C GLU B 246 -21.47 10.47 18.53
N THR B 247 -21.39 11.39 19.47
CA THR B 247 -22.32 12.50 19.61
C THR B 247 -22.17 13.41 18.41
N ILE B 248 -20.92 13.73 18.05
CA ILE B 248 -20.66 14.62 16.94
C ILE B 248 -21.22 14.00 15.65
N CYS B 249 -20.88 12.71 15.43
CA CYS B 249 -21.15 12.04 14.16
C CYS B 249 -22.65 11.85 14.02
N LYS B 250 -23.31 11.36 15.05
CA LYS B 250 -24.77 11.23 15.02
C LYS B 250 -25.47 12.59 14.85
N ASN B 251 -24.98 13.67 15.47
CA ASN B 251 -25.63 14.97 15.35
C ASN B 251 -25.58 15.47 13.90
N PHE B 252 -24.43 15.27 13.29
CA PHE B 252 -24.28 15.58 11.90
C PHE B 252 -25.13 14.66 11.05
N LEU B 253 -24.98 13.36 11.16
CA LEU B 253 -25.62 12.51 10.17
C LEU B 253 -27.17 12.46 10.26
N LYS B 254 -27.73 12.57 11.46
CA LYS B 254 -29.16 12.53 11.73
C LYS B 254 -29.82 13.90 11.90
N GLY B 255 -29.08 14.97 11.61
CA GLY B 255 -29.63 16.31 11.53
C GLY B 255 -30.13 16.71 12.92
N ARG B 256 -29.46 16.27 13.99
CA ARG B 256 -29.98 16.49 15.34
C ARG B 256 -29.73 17.85 15.96
N VAL B 257 -28.85 18.72 15.41
CA VAL B 257 -28.45 20.00 16.04
C VAL B 257 -28.83 19.98 17.55
C ACT C . 0.36 -17.48 -16.31
O ACT C . 0.79 -16.25 -16.02
OXT ACT C . 0.69 -18.45 -15.65
CH3 ACT C . -0.64 -17.79 -17.49
C ACT D . -1.46 -17.69 -13.20
O ACT D . -2.77 -17.60 -12.92
OXT ACT D . -0.65 -18.74 -13.01
CH3 ACT D . -0.79 -16.42 -13.82
C1 GOL E . 14.17 -19.15 -0.68
O1 GOL E . 14.98 -18.20 -1.35
C2 GOL E . 15.05 -20.07 0.14
O2 GOL E . 15.92 -20.84 -0.70
C3 GOL E . 15.83 -19.29 1.17
O3 GOL E . 16.70 -20.19 1.86
C ACT F . -0.72 13.64 19.75
O ACT F . -0.97 12.75 20.48
OXT ACT F . -1.21 13.63 18.57
CH3 ACT F . 0.36 14.70 20.22
#